data_4O08
#
_entry.id   4O08
#
_cell.length_a   108.541
_cell.length_b   108.541
_cell.length_c   116.843
_cell.angle_alpha   90.00
_cell.angle_beta   90.00
_cell.angle_gamma   90.00
#
_symmetry.space_group_name_H-M   'P 41 21 2'
#
loop_
_entity.id
_entity.type
_entity.pdbx_description
1 polymer 'Soluble epoxide hydrolase'
2 non-polymer 2-phenoxyacetamide
3 non-polymer 'SULFATE ION'
4 water water
#
_entity_poly.entity_id   1
_entity_poly.type   'polypeptide(L)'
_entity_poly.pdbx_seq_one_letter_code
;MGSSHHHHHHSSGLVPRGSHMASMTGGQQMGRGSMSKQYINVNGVNLHYISKGQGELMLFLHGFPDFSHIWRHQIDEFSN
DFHTVALDLRGYNLSEKPSGLESYEIDVLVEDIRQVIEGLGYSSCTLVVHDWGAGIGWTFAYRYPEYVQKLIAFNGPHPY
TFMRELRTNKNQQKASEYMKWFQKQEVQDYMERDNFSGLRKLVIDPGVKKGYLTADDVQAYMNSWENGSVLSMLSYYRNL
KIFTEEDLRRKSLFPLEEEVLNIPVQIIWGNQDPTFMPENLDGIEEYVPNISVHRLAEASHAPQHEKPQEVNNVMWNFLN
K
;
_entity_poly.pdbx_strand_id   A,B
#
loop_
_chem_comp.id
_chem_comp.type
_chem_comp.name
_chem_comp.formula
PO6 non-polymer 2-phenoxyacetamide 'C8 H9 N O2'
SO4 non-polymer 'SULFATE ION' 'O4 S -2'
#
# COMPACT_ATOMS: atom_id res chain seq x y z
N MET A 35 24.38 -5.05 19.35
CA MET A 35 23.02 -4.95 19.93
C MET A 35 22.86 -3.87 20.98
N SER A 36 22.01 -2.89 20.70
CA SER A 36 21.77 -1.75 21.57
C SER A 36 20.39 -1.84 22.22
N LYS A 37 20.27 -1.39 23.47
CA LYS A 37 19.00 -1.40 24.19
C LYS A 37 18.71 -0.03 24.76
N GLN A 38 17.60 0.56 24.38
CA GLN A 38 17.30 1.93 24.81
C GLN A 38 15.82 2.28 24.84
N TYR A 39 15.55 3.49 25.29
CA TYR A 39 14.18 3.99 25.38
C TYR A 39 13.89 5.02 24.29
N ILE A 40 12.62 5.09 23.87
CA ILE A 40 12.13 6.16 23.02
C ILE A 40 10.82 6.70 23.59
N ASN A 41 10.69 8.01 23.64
CA ASN A 41 9.52 8.63 24.22
C ASN A 41 8.52 8.99 23.11
N VAL A 42 7.35 8.36 23.16
CA VAL A 42 6.37 8.55 22.12
C VAL A 42 4.98 8.54 22.74
N ASN A 43 4.07 9.33 22.18
CA ASN A 43 2.67 9.22 22.54
C ASN A 43 2.47 9.12 24.06
N GLY A 44 3.21 9.93 24.81
CA GLY A 44 3.06 9.97 26.26
C GLY A 44 3.64 8.81 27.07
N VAL A 45 4.47 7.97 26.45
CA VAL A 45 5.11 6.88 27.20
C VAL A 45 6.58 6.71 26.80
N ASN A 46 7.37 6.11 27.69
CA ASN A 46 8.72 5.71 27.31
C ASN A 46 8.73 4.23 27.01
N LEU A 47 8.99 3.88 25.75
CA LEU A 47 9.07 2.49 25.36
C LEU A 47 10.51 2.04 25.22
N HIS A 48 10.79 0.85 25.75
CA HIS A 48 12.09 0.20 25.59
C HIS A 48 12.13 -0.56 24.27
N TYR A 49 13.28 -0.53 23.59
CA TYR A 49 13.46 -1.37 22.40
C TYR A 49 14.90 -1.84 22.26
N ILE A 50 15.08 -2.92 21.51
CA ILE A 50 16.42 -3.38 21.20
C ILE A 50 16.68 -3.10 19.73
N SER A 51 17.93 -2.82 19.40
CA SER A 51 18.30 -2.32 18.08
C SER A 51 19.64 -2.92 17.65
N LYS A 52 19.76 -3.17 16.35
CA LYS A 52 21.01 -3.62 15.77
C LYS A 52 21.00 -3.20 14.31
N GLY A 53 22.16 -2.81 13.79
CA GLY A 53 22.28 -2.50 12.37
C GLY A 53 21.89 -1.09 11.97
N GLN A 54 21.81 -0.85 10.68
CA GLN A 54 21.56 0.48 10.18
C GLN A 54 20.91 0.34 8.81
N GLY A 55 20.31 1.41 8.31
CA GLY A 55 19.65 1.38 7.02
C GLY A 55 18.14 1.45 7.18
N GLU A 56 17.42 0.85 6.23
N GLU A 56 17.42 0.86 6.22
CA GLU A 56 15.96 0.84 6.25
CA GLU A 56 15.96 0.85 6.26
C GLU A 56 15.46 0.17 7.53
C GLU A 56 15.46 0.18 7.53
N LEU A 57 14.37 0.69 8.08
CA LEU A 57 13.86 0.20 9.36
C LEU A 57 13.08 -1.10 9.16
N MET A 58 13.48 -2.13 9.90
CA MET A 58 12.65 -3.31 10.02
C MET A 58 12.19 -3.37 11.49
N LEU A 59 10.90 -3.16 11.68
CA LEU A 59 10.33 -2.99 13.01
C LEU A 59 9.50 -4.21 13.39
N PHE A 60 9.87 -4.85 14.50
CA PHE A 60 9.22 -6.09 14.99
C PHE A 60 8.28 -5.82 16.17
N LEU A 61 7.07 -6.35 16.09
CA LEU A 61 6.08 -6.24 17.19
C LEU A 61 5.64 -7.61 17.74
N HIS A 62 6.04 -7.87 18.98
CA HIS A 62 5.70 -9.12 19.66
C HIS A 62 4.25 -9.07 20.16
N GLY A 63 3.83 -10.18 20.77
CA GLY A 63 2.52 -10.24 21.39
C GLY A 63 2.60 -10.76 22.82
N PHE A 64 1.52 -11.38 23.27
CA PHE A 64 1.39 -11.89 24.63
C PHE A 64 1.78 -13.36 24.75
N PRO A 65 2.54 -13.73 25.82
CA PRO A 65 3.13 -12.91 26.86
C PRO A 65 4.60 -12.75 26.60
N ASP A 66 4.96 -12.41 25.36
CA ASP A 66 6.36 -12.31 24.98
C ASP A 66 6.86 -10.89 25.14
N PHE A 67 7.91 -10.55 24.41
CA PHE A 67 8.49 -9.20 24.44
C PHE A 67 9.53 -9.18 23.35
N SER A 68 10.31 -8.11 23.25
CA SER A 68 11.21 -7.91 22.12
C SER A 68 12.13 -9.12 21.85
N HIS A 69 12.51 -9.83 22.91
CA HIS A 69 13.49 -10.93 22.81
C HIS A 69 13.05 -12.05 21.86
N ILE A 70 11.76 -12.17 21.61
CA ILE A 70 11.29 -13.29 20.81
C ILE A 70 11.80 -13.17 19.36
N TRP A 71 12.25 -11.97 18.99
CA TRP A 71 12.70 -11.72 17.63
C TRP A 71 14.21 -11.86 17.46
N ARG A 72 14.90 -12.33 18.50
CA ARG A 72 16.35 -12.44 18.49
C ARG A 72 16.95 -13.05 17.22
N HIS A 73 16.37 -14.14 16.71
CA HIS A 73 16.98 -14.78 15.53
C HIS A 73 16.82 -13.96 14.25
N GLN A 74 15.75 -13.18 14.14
CA GLN A 74 15.57 -12.33 12.95
C GLN A 74 16.46 -11.10 13.06
N ILE A 75 16.62 -10.59 14.27
CA ILE A 75 17.54 -9.48 14.52
C ILE A 75 18.95 -9.82 14.08
N ASP A 76 19.46 -10.97 14.54
CA ASP A 76 20.79 -11.42 14.16
C ASP A 76 20.88 -11.66 12.64
N GLU A 77 19.79 -12.11 12.04
CA GLU A 77 19.82 -12.47 10.63
C GLU A 77 19.86 -11.25 9.70
N PHE A 78 19.08 -10.23 10.04
CA PHE A 78 18.82 -9.15 9.10
C PHE A 78 19.51 -7.81 9.43
N SER A 79 20.23 -7.74 10.55
CA SER A 79 20.80 -6.47 11.02
C SER A 79 21.99 -5.95 10.20
N ASN A 80 22.48 -6.74 9.25
CA ASN A 80 23.45 -6.20 8.31
C ASN A 80 22.78 -5.67 7.05
N ASP A 81 21.48 -5.92 6.94
CA ASP A 81 20.71 -5.44 5.79
C ASP A 81 19.69 -4.36 6.15
N PHE A 82 19.32 -4.29 7.43
CA PHE A 82 18.30 -3.37 7.91
C PHE A 82 18.71 -2.83 9.27
N HIS A 83 18.11 -1.70 9.65
CA HIS A 83 18.15 -1.28 11.03
C HIS A 83 17.05 -2.10 11.71
N THR A 84 17.42 -3.18 12.39
CA THR A 84 16.40 -4.02 13.02
C THR A 84 16.10 -3.51 14.42
N VAL A 85 14.82 -3.27 14.68
CA VAL A 85 14.37 -2.74 15.96
C VAL A 85 13.21 -3.59 16.45
N ALA A 86 13.34 -4.17 17.63
CA ALA A 86 12.22 -4.88 18.25
C ALA A 86 11.72 -4.09 19.46
N LEU A 87 10.48 -3.64 19.38
CA LEU A 87 9.87 -2.81 20.42
C LEU A 87 9.31 -3.66 21.54
N ASP A 88 9.42 -3.19 22.79
CA ASP A 88 8.60 -3.74 23.87
C ASP A 88 7.32 -2.90 23.91
N LEU A 89 6.19 -3.50 23.63
CA LEU A 89 4.93 -2.76 23.65
C LEU A 89 4.68 -2.14 25.03
N ARG A 90 3.89 -1.06 25.08
CA ARG A 90 3.60 -0.45 26.38
C ARG A 90 3.06 -1.51 27.33
N GLY A 91 3.49 -1.45 28.58
CA GLY A 91 3.08 -2.42 29.57
C GLY A 91 4.03 -3.61 29.72
N TYR A 92 4.85 -3.84 28.70
CA TYR A 92 5.69 -5.05 28.64
C TYR A 92 7.14 -4.81 29.01
N ASN A 93 7.75 -5.80 29.65
CA ASN A 93 9.17 -5.77 29.98
C ASN A 93 9.58 -4.42 30.58
N LEU A 94 10.50 -3.71 29.93
CA LEU A 94 11.03 -2.47 30.48
C LEU A 94 10.26 -1.24 30.01
N SER A 95 9.23 -1.42 29.20
CA SER A 95 8.47 -0.27 28.73
C SER A 95 7.54 0.27 29.82
N GLU A 96 7.25 1.55 29.75
CA GLU A 96 6.37 2.21 30.69
C GLU A 96 5.02 1.51 30.78
N LYS A 97 4.44 1.56 31.98
CA LYS A 97 3.22 0.85 32.27
C LYS A 97 2.18 1.84 32.76
N PRO A 98 1.62 2.65 31.83
CA PRO A 98 0.60 3.64 32.21
C PRO A 98 -0.61 2.98 32.86
N SER A 99 -1.27 3.66 33.79
CA SER A 99 -2.42 3.07 34.46
C SER A 99 -3.70 3.32 33.66
N GLY A 100 -4.73 2.52 33.94
CA GLY A 100 -6.05 2.67 33.32
C GLY A 100 -6.21 1.88 32.03
N LEU A 101 -7.42 1.42 31.75
CA LEU A 101 -7.68 0.66 30.52
C LEU A 101 -7.59 1.50 29.26
N GLU A 102 -7.88 2.79 29.38
CA GLU A 102 -7.87 3.69 28.23
C GLU A 102 -6.50 3.76 27.58
N SER A 103 -5.46 3.51 28.37
CA SER A 103 -4.10 3.61 27.88
C SER A 103 -3.70 2.43 26.99
N TYR A 104 -4.59 1.43 26.89
CA TYR A 104 -4.32 0.22 26.11
C TYR A 104 -5.36 -0.02 25.02
N GLU A 105 -6.04 1.06 24.62
N GLU A 105 -6.04 1.06 24.62
CA GLU A 105 -7.02 0.98 23.54
CA GLU A 105 -7.02 1.00 23.55
C GLU A 105 -6.31 0.96 22.18
C GLU A 105 -6.33 1.00 22.18
N ILE A 106 -6.94 0.33 21.20
CA ILE A 106 -6.32 0.16 19.89
C ILE A 106 -5.78 1.46 19.31
N ASP A 107 -6.55 2.54 19.33
CA ASP A 107 -6.06 3.79 18.73
C ASP A 107 -4.75 4.28 19.32
N VAL A 108 -4.60 4.07 20.63
CA VAL A 108 -3.40 4.47 21.34
C VAL A 108 -2.21 3.60 20.90
N LEU A 109 -2.43 2.29 20.80
CA LEU A 109 -1.38 1.37 20.40
C LEU A 109 -0.96 1.61 18.96
N VAL A 110 -1.94 1.85 18.08
CA VAL A 110 -1.62 2.21 16.70
C VAL A 110 -0.78 3.48 16.66
N GLU A 111 -1.17 4.48 17.44
CA GLU A 111 -0.42 5.75 17.43
C GLU A 111 1.03 5.57 17.96
N ASP A 112 1.19 4.69 18.94
CA ASP A 112 2.53 4.33 19.41
C ASP A 112 3.40 3.92 18.23
N ILE A 113 2.86 3.04 17.39
CA ILE A 113 3.62 2.52 16.27
C ILE A 113 3.99 3.65 15.28
N ARG A 114 3.01 4.49 14.94
CA ARG A 114 3.27 5.60 14.02
C ARG A 114 4.40 6.48 14.56
N GLN A 115 4.32 6.81 15.85
CA GLN A 115 5.29 7.71 16.46
C GLN A 115 6.67 7.06 16.62
N VAL A 116 6.69 5.76 16.85
CA VAL A 116 7.97 5.04 16.92
C VAL A 116 8.68 5.12 15.59
N ILE A 117 7.94 4.87 14.51
CA ILE A 117 8.53 4.93 13.16
C ILE A 117 9.12 6.30 12.89
N GLU A 118 8.31 7.34 13.10
CA GLU A 118 8.79 8.71 12.90
C GLU A 118 9.92 9.07 13.86
N GLY A 119 9.79 8.68 15.12
CA GLY A 119 10.78 9.03 16.12
C GLY A 119 12.15 8.44 15.86
N LEU A 120 12.20 7.29 15.19
CA LEU A 120 13.47 6.69 14.83
C LEU A 120 14.07 7.34 13.59
N GLY A 121 13.27 8.17 12.92
CA GLY A 121 13.73 8.92 11.76
C GLY A 121 13.31 8.34 10.42
N TYR A 122 12.16 7.70 10.37
CA TYR A 122 11.71 7.06 9.15
C TYR A 122 10.31 7.52 8.79
N SER A 123 9.96 7.39 7.52
CA SER A 123 8.58 7.68 7.12
C SER A 123 7.89 6.36 6.77
N SER A 124 8.67 5.30 6.66
CA SER A 124 8.09 3.98 6.40
C SER A 124 9.05 2.87 6.87
N CYS A 125 8.55 1.64 6.89
CA CYS A 125 9.34 0.52 7.40
C CYS A 125 8.85 -0.81 6.87
N THR A 126 9.67 -1.83 7.08
CA THR A 126 9.21 -3.18 6.90
C THR A 126 8.74 -3.64 8.30
N LEU A 127 7.46 -3.96 8.39
CA LEU A 127 6.81 -4.27 9.65
C LEU A 127 6.60 -5.78 9.83
N VAL A 128 7.10 -6.30 10.94
CA VAL A 128 7.10 -7.73 11.17
C VAL A 128 6.39 -8.00 12.49
N VAL A 129 5.33 -8.81 12.46
CA VAL A 129 4.36 -8.82 13.56
C VAL A 129 3.83 -10.20 13.93
N HIS A 130 3.42 -10.34 15.19
CA HIS A 130 3.01 -11.62 15.74
C HIS A 130 2.00 -11.40 16.86
N ASP A 131 0.95 -12.20 16.90
CA ASP A 131 0.04 -12.21 18.05
C ASP A 131 -0.57 -10.82 18.29
N TRP A 132 -0.49 -10.28 19.51
CA TRP A 132 -1.07 -8.93 19.73
C TRP A 132 -0.42 -7.90 18.82
N GLY A 133 0.88 -8.06 18.55
CA GLY A 133 1.58 -7.16 17.65
C GLY A 133 1.04 -7.25 16.24
N ALA A 134 0.50 -8.41 15.87
CA ALA A 134 -0.17 -8.55 14.58
C ALA A 134 -1.56 -7.91 14.60
N GLY A 135 -2.28 -8.05 15.73
CA GLY A 135 -3.58 -7.40 15.84
C GLY A 135 -3.41 -5.89 15.64
N ILE A 136 -2.40 -5.36 16.31
CA ILE A 136 -2.02 -3.95 16.19
C ILE A 136 -1.44 -3.66 14.80
N GLY A 137 -0.51 -4.50 14.35
CA GLY A 137 0.22 -4.25 13.12
C GLY A 137 -0.65 -4.26 11.88
N TRP A 138 -1.57 -5.22 11.80
CA TRP A 138 -2.51 -5.25 10.68
C TRP A 138 -3.35 -3.98 10.68
N THR A 139 -3.87 -3.60 11.85
CA THR A 139 -4.73 -2.43 11.94
C THR A 139 -3.93 -1.21 11.49
N PHE A 140 -2.68 -1.12 11.98
CA PHE A 140 -1.80 -0.04 11.56
C PHE A 140 -1.61 -0.02 10.04
N ALA A 141 -1.34 -1.18 9.45
CA ALA A 141 -1.06 -1.24 8.02
C ALA A 141 -2.28 -0.85 7.19
N TYR A 142 -3.47 -1.29 7.60
CA TYR A 142 -4.68 -0.89 6.90
C TYR A 142 -4.87 0.63 6.94
N ARG A 143 -4.67 1.22 8.11
CA ARG A 143 -4.84 2.66 8.30
C ARG A 143 -3.73 3.50 7.70
N TYR A 144 -2.49 3.01 7.75
CA TYR A 144 -1.33 3.75 7.29
C TYR A 144 -0.50 2.94 6.30
N PRO A 145 -1.10 2.59 5.15
CA PRO A 145 -0.30 1.78 4.22
C PRO A 145 0.90 2.55 3.66
N GLU A 146 0.92 3.87 3.84
CA GLU A 146 2.04 4.68 3.38
C GLU A 146 3.25 4.54 4.33
N TYR A 147 3.01 4.00 5.53
CA TYR A 147 4.08 3.79 6.52
C TYR A 147 4.69 2.38 6.45
N VAL A 148 4.12 1.52 5.62
CA VAL A 148 4.57 0.12 5.59
C VAL A 148 4.95 -0.33 4.18
N GLN A 149 6.23 -0.54 3.95
CA GLN A 149 6.72 -0.99 2.65
C GLN A 149 6.31 -2.42 2.35
N LYS A 150 6.45 -3.29 3.36
CA LYS A 150 6.05 -4.68 3.31
C LYS A 150 5.67 -5.11 4.73
N LEU A 151 4.68 -5.99 4.81
CA LEU A 151 4.26 -6.54 6.09
C LEU A 151 4.56 -8.03 6.13
N ILE A 152 5.15 -8.49 7.23
CA ILE A 152 5.36 -9.91 7.45
C ILE A 152 4.62 -10.28 8.72
N ALA A 153 3.62 -11.12 8.59
CA ALA A 153 2.75 -11.42 9.74
C ALA A 153 2.79 -12.89 10.10
N PHE A 154 3.01 -13.17 11.38
CA PHE A 154 3.01 -14.52 11.92
C PHE A 154 1.63 -14.76 12.56
N ASN A 155 1.44 -15.92 13.18
CA ASN A 155 0.16 -16.24 13.82
C ASN A 155 -0.40 -15.06 14.60
N GLY A 156 -1.67 -14.77 14.39
CA GLY A 156 -2.33 -13.65 15.02
C GLY A 156 -3.57 -13.32 14.22
N PRO A 157 -4.40 -12.39 14.72
CA PRO A 157 -5.68 -12.16 14.06
C PRO A 157 -5.59 -11.15 12.92
N HIS A 158 -5.97 -11.58 11.73
CA HIS A 158 -6.23 -10.61 10.66
C HIS A 158 -7.56 -9.92 11.00
N PRO A 159 -7.65 -8.60 10.82
CA PRO A 159 -8.84 -7.92 11.36
C PRO A 159 -10.16 -8.43 10.80
N TYR A 160 -10.22 -8.74 9.50
CA TYR A 160 -11.46 -9.25 8.90
C TYR A 160 -11.70 -10.75 9.06
N THR A 161 -10.69 -11.57 8.80
CA THR A 161 -10.93 -13.00 8.85
C THR A 161 -11.11 -13.49 10.27
N PHE A 162 -10.47 -12.85 11.25
CA PHE A 162 -10.64 -13.32 12.63
C PHE A 162 -12.10 -13.22 13.09
N MET A 163 -12.76 -12.12 12.74
CA MET A 163 -14.15 -11.90 13.17
C MET A 163 -15.08 -12.92 12.52
N ARG A 164 -14.79 -13.23 11.26
CA ARG A 164 -15.51 -14.27 10.56
C ARG A 164 -15.36 -15.62 11.26
N GLU A 165 -14.12 -15.99 11.59
CA GLU A 165 -13.87 -17.25 12.28
C GLU A 165 -14.51 -17.31 13.68
N LEU A 166 -14.50 -16.21 14.42
CA LEU A 166 -15.16 -16.18 15.73
C LEU A 166 -16.67 -16.42 15.57
N ARG A 167 -17.23 -15.92 14.49
CA ARG A 167 -18.67 -16.06 14.25
C ARG A 167 -19.10 -17.47 13.85
N THR A 168 -18.27 -18.18 13.11
CA THR A 168 -18.70 -19.42 12.46
C THR A 168 -17.86 -20.67 12.74
N ASN A 169 -16.64 -20.49 13.23
CA ASN A 169 -15.75 -21.63 13.42
C ASN A 169 -15.74 -22.11 14.88
N LYS A 170 -16.45 -23.20 15.14
CA LYS A 170 -16.60 -23.71 16.50
C LYS A 170 -15.25 -23.96 17.15
N ASN A 171 -14.31 -24.46 16.35
CA ASN A 171 -12.94 -24.66 16.84
C ASN A 171 -12.27 -23.35 17.24
N GLN A 172 -12.49 -22.29 16.47
CA GLN A 172 -11.92 -21.00 16.82
C GLN A 172 -12.58 -20.46 18.09
N GLN A 173 -13.90 -20.56 18.14
CA GLN A 173 -14.63 -20.14 19.33
C GLN A 173 -14.11 -20.86 20.58
N LYS A 174 -13.92 -22.17 20.51
CA LYS A 174 -13.38 -22.93 21.64
C LYS A 174 -11.95 -22.45 21.95
N ALA A 175 -11.18 -22.28 20.89
CA ALA A 175 -9.79 -21.85 21.00
C ALA A 175 -9.69 -20.48 21.66
N SER A 176 -10.67 -19.62 21.43
CA SER A 176 -10.59 -18.25 21.92
C SER A 176 -11.34 -18.05 23.24
N GLU A 177 -11.80 -19.14 23.83
CA GLU A 177 -12.55 -19.05 25.10
C GLU A 177 -11.77 -18.32 26.19
N TYR A 178 -10.47 -18.54 26.27
CA TYR A 178 -9.63 -17.91 27.29
C TYR A 178 -9.77 -16.37 27.28
N MET A 179 -10.12 -15.79 26.13
CA MET A 179 -10.29 -14.35 26.04
C MET A 179 -11.43 -13.82 26.90
N LYS A 180 -12.49 -14.63 27.04
CA LYS A 180 -13.55 -14.31 27.98
C LYS A 180 -13.03 -14.42 29.40
N TRP A 181 -12.25 -15.47 29.68
CA TRP A 181 -11.69 -15.64 31.01
C TRP A 181 -10.79 -14.45 31.39
N PHE A 182 -9.97 -13.97 30.45
CA PHE A 182 -9.06 -12.85 30.67
C PHE A 182 -9.75 -11.55 31.13
N GLN A 183 -11.07 -11.48 30.95
CA GLN A 183 -11.81 -10.28 31.37
C GLN A 183 -11.90 -10.21 32.90
N LYS A 184 -11.67 -11.37 33.53
CA LYS A 184 -11.84 -11.55 34.98
C LYS A 184 -10.61 -11.19 35.81
N GLN A 185 -10.84 -10.47 36.91
CA GLN A 185 -9.77 -10.04 37.81
C GLN A 185 -8.95 -11.17 38.39
N GLU A 186 -9.51 -12.37 38.42
CA GLU A 186 -8.81 -13.51 39.03
C GLU A 186 -7.64 -14.02 38.17
N VAL A 187 -7.62 -13.61 36.89
CA VAL A 187 -6.67 -14.20 35.94
C VAL A 187 -5.22 -13.97 36.33
N GLN A 188 -4.89 -12.75 36.75
CA GLN A 188 -3.49 -12.41 37.02
C GLN A 188 -2.82 -13.37 38.00
N ASP A 189 -3.54 -13.76 39.05
CA ASP A 189 -2.97 -14.64 40.06
C ASP A 189 -2.61 -16.01 39.47
N TYR A 190 -3.48 -16.54 38.61
CA TYR A 190 -3.16 -17.77 37.91
C TYR A 190 -1.86 -17.66 37.10
N MET A 191 -1.65 -16.52 36.47
N MET A 191 -1.65 -16.51 36.48
CA MET A 191 -0.45 -16.27 35.65
CA MET A 191 -0.45 -16.28 35.66
C MET A 191 0.81 -16.04 36.49
C MET A 191 0.81 -16.04 36.48
N GLU A 192 0.66 -15.32 37.59
CA GLU A 192 1.82 -14.92 38.40
C GLU A 192 2.22 -15.84 39.55
N ARG A 193 1.26 -16.51 40.17
CA ARG A 193 1.54 -17.27 41.39
C ARG A 193 2.55 -18.40 41.15
N ASP A 194 3.26 -18.79 42.19
CA ASP A 194 4.24 -19.87 42.11
C ASP A 194 5.26 -19.62 41.00
N ASN A 195 5.88 -18.45 41.05
CA ASN A 195 6.97 -18.11 40.12
C ASN A 195 6.47 -18.08 38.67
N PHE A 196 5.34 -17.41 38.48
CA PHE A 196 4.74 -17.24 37.15
C PHE A 196 4.36 -18.59 36.56
N SER A 197 3.81 -19.48 37.37
CA SER A 197 3.49 -20.83 36.92
C SER A 197 2.64 -20.84 35.65
N GLY A 198 1.58 -20.03 35.62
CA GLY A 198 0.71 -19.98 34.45
C GLY A 198 1.43 -19.56 33.17
N LEU A 199 2.30 -18.57 33.28
CA LEU A 199 3.06 -18.11 32.12
C LEU A 199 4.13 -19.13 31.73
N ARG A 200 4.79 -19.69 32.73
CA ARG A 200 5.75 -20.76 32.45
C ARG A 200 5.09 -21.90 31.68
N LYS A 201 3.93 -22.35 32.15
CA LYS A 201 3.23 -23.45 31.47
C LYS A 201 2.86 -23.06 30.05
N LEU A 202 2.55 -21.78 29.87
CA LEU A 202 2.05 -21.30 28.59
C LEU A 202 3.14 -21.26 27.53
N VAL A 203 4.29 -20.67 27.86
CA VAL A 203 5.33 -20.48 26.86
C VAL A 203 6.68 -21.13 27.19
N ILE A 204 7.02 -21.25 28.46
CA ILE A 204 8.34 -21.82 28.80
C ILE A 204 8.41 -23.35 28.59
N ASP A 205 7.49 -24.08 29.19
CA ASP A 205 7.59 -25.54 29.17
C ASP A 205 7.52 -26.11 27.75
N PRO A 206 6.62 -25.59 26.90
CA PRO A 206 6.63 -26.07 25.52
C PRO A 206 7.94 -25.78 24.80
N GLY A 207 8.52 -24.61 25.04
CA GLY A 207 9.72 -24.20 24.32
C GLY A 207 10.97 -24.93 24.78
N VAL A 208 11.04 -25.22 26.07
CA VAL A 208 12.20 -25.95 26.57
C VAL A 208 12.14 -27.39 26.09
N LYS A 209 10.95 -27.98 26.18
CA LYS A 209 10.72 -29.36 25.80
C LYS A 209 10.98 -29.61 24.32
N LYS A 210 10.59 -28.65 23.49
CA LYS A 210 10.74 -28.82 22.05
C LYS A 210 12.14 -28.43 21.60
N GLY A 211 12.87 -27.73 22.47
CA GLY A 211 14.25 -27.42 22.23
C GLY A 211 14.56 -26.10 21.55
N TYR A 212 13.63 -25.14 21.58
CA TYR A 212 13.92 -23.83 21.00
C TYR A 212 14.12 -22.72 22.02
N LEU A 213 14.13 -23.06 23.31
CA LEU A 213 14.51 -22.08 24.34
C LEU A 213 15.78 -22.51 25.06
N THR A 214 16.77 -21.64 25.12
CA THR A 214 17.99 -21.90 25.86
C THR A 214 17.77 -21.51 27.32
N ALA A 215 18.71 -21.82 28.20
CA ALA A 215 18.56 -21.44 29.60
C ALA A 215 18.53 -19.91 29.74
N ASP A 216 19.38 -19.23 28.98
CA ASP A 216 19.35 -17.77 29.00
C ASP A 216 18.04 -17.19 28.43
N ASP A 217 17.41 -17.89 27.49
CA ASP A 217 16.09 -17.46 26.98
C ASP A 217 15.04 -17.53 28.08
N VAL A 218 15.09 -18.62 28.85
CA VAL A 218 14.17 -18.79 29.96
C VAL A 218 14.36 -17.70 31.01
N GLN A 219 15.61 -17.39 31.34
CA GLN A 219 15.88 -16.33 32.32
C GLN A 219 15.39 -15.00 31.78
N ALA A 220 15.61 -14.76 30.50
CA ALA A 220 15.17 -13.53 29.88
C ALA A 220 13.65 -13.36 29.98
N TYR A 221 12.90 -14.42 29.72
CA TYR A 221 11.45 -14.40 29.90
C TYR A 221 11.04 -14.13 31.36
N MET A 222 11.66 -14.83 32.30
CA MET A 222 11.34 -14.63 33.72
C MET A 222 11.61 -13.17 34.12
N ASN A 223 12.77 -12.64 33.73
CA ASN A 223 13.07 -11.22 33.97
C ASN A 223 12.03 -10.29 33.33
N SER A 224 11.58 -10.61 32.12
CA SER A 224 10.59 -9.76 31.44
C SER A 224 9.29 -9.69 32.22
N TRP A 225 8.94 -10.78 32.89
CA TRP A 225 7.69 -10.82 33.67
C TRP A 225 7.82 -10.12 35.03
N GLU A 226 9.02 -10.17 35.61
CA GLU A 226 9.28 -9.40 36.83
C GLU A 226 9.28 -7.90 36.53
N ASN A 227 9.92 -7.53 35.42
CA ASN A 227 10.05 -6.13 35.03
C ASN A 227 8.77 -5.55 34.42
N GLY A 228 8.05 -6.39 33.67
CA GLY A 228 6.82 -5.94 33.04
C GLY A 228 5.64 -5.96 33.99
N SER A 229 4.46 -5.66 33.47
CA SER A 229 3.24 -5.74 34.27
C SER A 229 2.22 -6.67 33.63
N VAL A 230 1.89 -7.76 34.32
CA VAL A 230 0.88 -8.67 33.78
C VAL A 230 -0.49 -7.96 33.73
N LEU A 231 -0.70 -7.02 34.65
CA LEU A 231 -1.93 -6.24 34.65
C LEU A 231 -2.04 -5.51 33.32
N SER A 232 -0.98 -4.78 32.96
CA SER A 232 -0.97 -4.01 31.73
C SER A 232 -1.12 -4.90 30.49
N MET A 233 -0.48 -6.07 30.53
CA MET A 233 -0.58 -7.05 29.46
C MET A 233 -2.04 -7.49 29.27
N LEU A 234 -2.72 -7.77 30.39
CA LEU A 234 -4.14 -8.15 30.34
C LEU A 234 -5.08 -7.03 29.89
N SER A 235 -4.68 -5.78 30.13
CA SER A 235 -5.50 -4.61 29.79
C SER A 235 -5.80 -4.55 28.29
N TYR A 236 -4.86 -5.02 27.47
CA TYR A 236 -5.06 -5.09 26.03
C TYR A 236 -6.35 -5.85 25.74
N TYR A 237 -6.53 -6.98 26.42
CA TYR A 237 -7.66 -7.88 26.18
C TYR A 237 -8.96 -7.28 26.70
N ARG A 238 -8.85 -6.49 27.74
CA ARG A 238 -10.02 -5.97 28.43
C ARG A 238 -10.66 -4.81 27.69
N ASN A 239 -10.08 -4.43 26.56
CA ASN A 239 -10.70 -3.44 25.67
C ASN A 239 -11.30 -4.06 24.40
N LEU A 240 -11.14 -5.36 24.25
CA LEU A 240 -11.60 -6.05 23.05
C LEU A 240 -13.12 -6.03 22.97
N LYS A 241 -13.66 -5.68 21.80
CA LYS A 241 -15.11 -5.68 21.61
C LYS A 241 -15.54 -6.90 20.82
N ILE A 242 -15.58 -8.06 21.47
CA ILE A 242 -15.95 -9.31 20.81
C ILE A 242 -16.88 -10.14 21.68
N PHE A 243 -17.50 -9.50 22.67
CA PHE A 243 -18.20 -10.23 23.72
C PHE A 243 -19.73 -10.04 23.73
N THR A 244 -20.21 -8.99 23.08
CA THR A 244 -21.65 -8.79 22.95
C THR A 244 -22.09 -9.24 21.55
N GLU A 245 -23.37 -9.57 21.41
CA GLU A 245 -23.87 -10.02 20.11
C GLU A 245 -23.72 -8.88 19.09
N GLU A 246 -23.83 -7.66 19.57
CA GLU A 246 -23.67 -6.50 18.71
C GLU A 246 -22.22 -6.30 18.26
N ASP A 247 -21.29 -6.49 19.18
CA ASP A 247 -19.87 -6.30 18.82
C ASP A 247 -19.42 -7.40 17.89
N LEU A 248 -19.85 -8.63 18.18
CA LEU A 248 -19.52 -9.79 17.36
C LEU A 248 -19.97 -9.61 15.92
N ARG A 249 -20.97 -8.76 15.73
CA ARG A 249 -21.52 -8.51 14.39
C ARG A 249 -20.56 -7.71 13.49
N ARG A 250 -19.68 -6.91 14.11
CA ARG A 250 -18.77 -6.03 13.37
C ARG A 250 -17.85 -6.78 12.40
N LYS A 251 -17.53 -6.15 11.28
CA LYS A 251 -16.73 -6.78 10.24
C LYS A 251 -15.25 -6.96 10.59
N SER A 252 -14.69 -6.04 11.37
CA SER A 252 -13.28 -6.12 11.71
C SER A 252 -13.06 -6.06 13.23
N LEU A 253 -12.00 -6.71 13.67
CA LEU A 253 -11.72 -6.83 15.10
C LEU A 253 -11.61 -5.44 15.72
N PHE A 254 -10.90 -4.57 15.03
CA PHE A 254 -10.82 -3.15 15.41
C PHE A 254 -11.38 -2.33 14.26
N PRO A 255 -12.00 -1.18 14.59
CA PRO A 255 -12.61 -0.32 13.58
C PRO A 255 -11.66 0.03 12.44
N LEU A 256 -12.13 -0.14 11.21
CA LEU A 256 -11.34 0.17 10.01
C LEU A 256 -12.25 0.67 8.88
N GLU A 257 -11.86 1.78 8.26
CA GLU A 257 -12.56 2.25 7.06
C GLU A 257 -12.09 1.48 5.81
N GLU A 258 -10.82 1.09 5.81
CA GLU A 258 -10.22 0.37 4.70
C GLU A 258 -10.51 -1.13 4.78
N GLU A 259 -10.92 -1.73 3.67
CA GLU A 259 -11.23 -3.16 3.66
C GLU A 259 -10.26 -3.94 2.78
N VAL A 260 -9.30 -3.22 2.23
CA VAL A 260 -8.29 -3.83 1.38
C VAL A 260 -6.94 -3.27 1.75
N LEU A 261 -5.93 -4.14 1.80
CA LEU A 261 -4.55 -3.72 2.03
C LEU A 261 -3.69 -4.25 0.89
N ASN A 262 -3.06 -3.34 0.15
CA ASN A 262 -2.46 -3.69 -1.14
C ASN A 262 -0.94 -3.73 -1.17
N ILE A 263 -0.30 -3.43 -0.05
CA ILE A 263 1.16 -3.54 -0.01
C ILE A 263 1.53 -5.03 -0.07
N PRO A 264 2.79 -5.34 -0.38
CA PRO A 264 3.14 -6.76 -0.38
C PRO A 264 3.11 -7.29 1.04
N VAL A 265 2.48 -8.44 1.20
CA VAL A 265 2.36 -9.08 2.51
C VAL A 265 2.79 -10.54 2.44
N GLN A 266 3.51 -10.98 3.47
CA GLN A 266 3.89 -12.39 3.66
C GLN A 266 3.28 -12.89 4.97
N ILE A 267 2.58 -14.02 4.92
CA ILE A 267 2.15 -14.68 6.16
C ILE A 267 3.03 -15.90 6.39
N ILE A 268 3.47 -16.07 7.63
CA ILE A 268 4.30 -17.19 8.03
C ILE A 268 3.61 -17.80 9.25
N TRP A 269 3.03 -18.98 9.07
CA TRP A 269 1.99 -19.47 9.97
C TRP A 269 2.28 -20.86 10.48
N GLY A 270 2.28 -21.03 11.81
CA GLY A 270 2.40 -22.36 12.39
C GLY A 270 1.05 -23.06 12.47
N ASN A 271 0.87 -24.14 11.71
CA ASN A 271 -0.43 -24.81 11.64
C ASN A 271 -0.92 -25.42 12.97
N GLN A 272 0.01 -25.75 13.87
CA GLN A 272 -0.35 -26.42 15.13
C GLN A 272 -0.73 -25.46 16.25
N ASP A 273 -0.80 -24.17 15.93
CA ASP A 273 -1.12 -23.15 16.91
C ASP A 273 -2.48 -23.40 17.57
N PRO A 274 -2.50 -23.60 18.89
CA PRO A 274 -3.79 -23.82 19.56
C PRO A 274 -4.61 -22.54 19.69
N THR A 275 -3.97 -21.38 19.51
CA THR A 275 -4.59 -20.07 19.68
C THR A 275 -5.41 -19.62 18.47
N PHE A 276 -4.85 -19.84 17.27
CA PHE A 276 -5.50 -19.43 16.03
C PHE A 276 -5.61 -20.59 15.05
N MET A 277 -6.83 -20.90 14.63
CA MET A 277 -7.10 -22.03 13.75
C MET A 277 -6.60 -21.71 12.34
N PRO A 278 -6.27 -22.75 11.56
CA PRO A 278 -5.75 -22.48 10.20
C PRO A 278 -6.75 -21.78 9.27
N GLU A 279 -8.05 -21.90 9.52
CA GLU A 279 -9.04 -21.28 8.66
C GLU A 279 -9.00 -19.74 8.68
N ASN A 280 -8.28 -19.15 9.63
CA ASN A 280 -8.09 -17.71 9.63
C ASN A 280 -7.44 -17.23 8.33
N LEU A 281 -6.74 -18.14 7.64
CA LEU A 281 -6.09 -17.79 6.37
C LEU A 281 -7.01 -17.97 5.15
N ASP A 282 -8.15 -18.62 5.35
CA ASP A 282 -9.07 -18.85 4.24
C ASP A 282 -9.59 -17.54 3.65
N GLY A 283 -9.53 -17.42 2.33
CA GLY A 283 -10.10 -16.27 1.63
C GLY A 283 -9.42 -14.95 1.96
N ILE A 284 -8.19 -15.03 2.47
CA ILE A 284 -7.54 -13.83 2.98
C ILE A 284 -7.14 -12.88 1.84
N GLU A 285 -7.02 -13.44 0.63
CA GLU A 285 -6.69 -12.67 -0.57
C GLU A 285 -7.71 -11.58 -0.88
N GLU A 286 -8.97 -11.80 -0.53
CA GLU A 286 -10.00 -10.78 -0.72
C GLU A 286 -9.64 -9.48 0.00
N TYR A 287 -8.98 -9.62 1.16
CA TYR A 287 -8.65 -8.45 1.99
C TYR A 287 -7.22 -8.00 1.78
N VAL A 288 -6.40 -8.88 1.20
CA VAL A 288 -4.98 -8.62 1.05
C VAL A 288 -4.55 -9.21 -0.29
N PRO A 289 -4.81 -8.46 -1.37
CA PRO A 289 -4.62 -8.99 -2.73
C PRO A 289 -3.20 -9.41 -3.10
N ASN A 290 -2.17 -8.76 -2.56
CA ASN A 290 -0.80 -9.14 -2.91
C ASN A 290 -0.11 -9.96 -1.83
N ILE A 291 -0.76 -11.03 -1.41
CA ILE A 291 -0.27 -11.80 -0.28
C ILE A 291 0.43 -13.08 -0.73
N SER A 292 1.43 -13.50 0.05
CA SER A 292 2.05 -14.82 -0.07
C SER A 292 1.91 -15.50 1.29
N VAL A 293 1.68 -16.81 1.28
CA VAL A 293 1.43 -17.54 2.52
C VAL A 293 2.34 -18.75 2.61
N HIS A 294 3.05 -18.88 3.72
CA HIS A 294 3.88 -20.05 3.99
C HIS A 294 3.39 -20.70 5.27
N ARG A 295 2.99 -21.97 5.19
CA ARG A 295 2.40 -22.67 6.33
C ARG A 295 3.36 -23.73 6.83
N LEU A 296 3.73 -23.64 8.10
CA LEU A 296 4.62 -24.63 8.71
C LEU A 296 3.74 -25.70 9.34
N ALA A 297 3.78 -26.91 8.78
CA ALA A 297 2.92 -28.00 9.22
C ALA A 297 3.12 -28.38 10.69
N GLU A 298 4.36 -28.33 11.19
N GLU A 298 4.36 -28.27 11.17
CA GLU A 298 4.63 -28.77 12.56
CA GLU A 298 4.73 -28.78 12.48
C GLU A 298 5.26 -27.68 13.44
C GLU A 298 4.83 -27.68 13.54
N ALA A 299 4.99 -26.42 13.10
CA ALA A 299 5.24 -25.32 14.01
C ALA A 299 3.94 -24.89 14.68
N SER A 300 4.04 -24.31 15.85
CA SER A 300 2.88 -23.90 16.60
C SER A 300 2.77 -22.37 16.62
N HIS A 301 2.50 -21.81 17.79
CA HIS A 301 2.13 -20.40 17.92
C HIS A 301 3.18 -19.37 17.45
N ALA A 302 4.46 -19.69 17.63
CA ALA A 302 5.52 -18.70 17.42
C ALA A 302 6.65 -19.24 16.53
N PRO A 303 6.36 -19.36 15.23
CA PRO A 303 7.35 -19.94 14.31
C PRO A 303 8.68 -19.17 14.30
N GLN A 304 8.65 -17.86 14.54
CA GLN A 304 9.87 -17.05 14.40
C GLN A 304 10.98 -17.56 15.31
N HIS A 305 10.63 -18.08 16.48
CA HIS A 305 11.69 -18.69 17.29
C HIS A 305 11.62 -20.21 17.40
N GLU A 306 10.51 -20.80 16.94
N GLU A 306 10.52 -20.81 16.95
CA GLU A 306 10.39 -22.26 16.89
CA GLU A 306 10.45 -22.27 16.91
C GLU A 306 11.22 -22.85 15.76
C GLU A 306 11.30 -22.82 15.77
N LYS A 307 11.19 -22.21 14.60
CA LYS A 307 11.92 -22.68 13.43
C LYS A 307 12.56 -21.49 12.73
N PRO A 308 13.53 -20.86 13.40
CA PRO A 308 14.08 -19.59 12.91
C PRO A 308 14.74 -19.70 11.54
N GLN A 309 15.41 -20.80 11.22
CA GLN A 309 16.10 -20.86 9.92
C GLN A 309 15.12 -20.95 8.75
N GLU A 310 14.11 -21.80 8.89
CA GLU A 310 13.06 -21.92 7.88
C GLU A 310 12.36 -20.57 7.71
N VAL A 311 11.98 -19.97 8.83
CA VAL A 311 11.35 -18.65 8.81
C VAL A 311 12.23 -17.61 8.13
N ASN A 312 13.50 -17.55 8.51
CA ASN A 312 14.41 -16.56 7.97
C ASN A 312 14.56 -16.66 6.46
N ASN A 313 14.61 -17.88 5.92
CA ASN A 313 14.72 -18.03 4.46
C ASN A 313 13.45 -17.61 3.74
N VAL A 314 12.30 -17.94 4.31
CA VAL A 314 11.04 -17.47 3.74
C VAL A 314 11.04 -15.94 3.72
N MET A 315 11.55 -15.33 4.80
CA MET A 315 11.62 -13.87 4.88
C MET A 315 12.56 -13.31 3.81
N TRP A 316 13.75 -13.90 3.66
CA TRP A 316 14.67 -13.45 2.62
C TRP A 316 14.01 -13.49 1.24
N ASN A 317 13.38 -14.62 0.94
CA ASN A 317 12.71 -14.80 -0.33
C ASN A 317 11.67 -13.71 -0.59
N PHE A 318 10.83 -13.43 0.41
CA PHE A 318 9.77 -12.42 0.27
C PHE A 318 10.37 -11.03 0.12
N LEU A 319 11.37 -10.71 0.94
CA LEU A 319 12.02 -9.40 0.91
C LEU A 319 12.70 -9.13 -0.43
N ASN A 320 13.07 -10.19 -1.12
CA ASN A 320 13.79 -10.05 -2.38
C ASN A 320 12.92 -10.12 -3.64
N LYS A 321 11.65 -10.46 -3.49
CA LYS A 321 10.82 -10.58 -4.70
C LYS A 321 9.92 -9.37 -4.91
N GLN B 38 -22.55 2.73 -20.97
CA GLN B 38 -21.39 3.44 -21.52
C GLN B 38 -21.17 4.78 -20.83
N TYR B 39 -22.00 5.09 -19.83
CA TYR B 39 -21.82 6.31 -19.05
C TYR B 39 -21.99 6.01 -17.57
N ILE B 40 -21.28 6.76 -16.74
CA ILE B 40 -21.42 6.61 -15.30
C ILE B 40 -21.41 7.98 -14.67
N ASN B 41 -22.32 8.20 -13.72
CA ASN B 41 -22.39 9.46 -13.02
C ASN B 41 -21.60 9.41 -11.73
N VAL B 42 -20.62 10.30 -11.62
CA VAL B 42 -19.78 10.36 -10.43
C VAL B 42 -19.44 11.81 -10.16
N ASN B 43 -19.28 12.12 -8.88
CA ASN B 43 -18.75 13.42 -8.46
C ASN B 43 -19.41 14.57 -9.21
N GLY B 44 -20.68 14.38 -9.54
CA GLY B 44 -21.48 15.45 -10.10
C GLY B 44 -21.41 15.60 -11.61
N VAL B 45 -20.72 14.69 -12.28
CA VAL B 45 -20.63 14.72 -13.74
C VAL B 45 -20.90 13.35 -14.32
N ASN B 46 -21.14 13.31 -15.63
CA ASN B 46 -21.35 12.04 -16.30
C ASN B 46 -20.13 11.72 -17.18
N LEU B 47 -19.49 10.60 -16.91
CA LEU B 47 -18.27 10.25 -17.65
C LEU B 47 -18.54 9.10 -18.60
N HIS B 48 -18.01 9.21 -19.82
CA HIS B 48 -18.11 8.14 -20.80
C HIS B 48 -16.96 7.16 -20.59
N TYR B 49 -17.20 5.87 -20.77
CA TYR B 49 -16.12 4.89 -20.74
C TYR B 49 -16.36 3.74 -21.69
N ILE B 50 -15.30 3.02 -22.03
CA ILE B 50 -15.42 1.82 -22.82
C ILE B 50 -15.08 0.62 -21.94
N SER B 51 -15.78 -0.47 -22.15
CA SER B 51 -15.74 -1.60 -21.25
C SER B 51 -15.72 -2.90 -22.03
N LYS B 52 -14.96 -3.87 -21.55
CA LYS B 52 -14.97 -5.21 -22.14
C LYS B 52 -14.48 -6.18 -21.09
N GLY B 53 -15.01 -7.41 -21.12
CA GLY B 53 -14.54 -8.46 -20.22
C GLY B 53 -15.27 -8.46 -18.90
N GLN B 54 -14.82 -9.30 -17.98
CA GLN B 54 -15.40 -9.32 -16.66
C GLN B 54 -14.40 -9.86 -15.65
N GLY B 55 -14.67 -9.64 -14.36
CA GLY B 55 -13.76 -10.05 -13.32
C GLY B 55 -13.18 -8.84 -12.61
N GLU B 56 -11.91 -8.91 -12.26
CA GLU B 56 -11.29 -7.80 -11.52
C GLU B 56 -11.14 -6.57 -12.41
N LEU B 57 -11.24 -5.39 -11.79
CA LEU B 57 -11.22 -4.14 -12.53
C LEU B 57 -9.80 -3.74 -12.94
N MET B 58 -9.62 -3.54 -14.24
CA MET B 58 -8.41 -2.91 -14.76
C MET B 58 -8.86 -1.61 -15.41
N LEU B 59 -8.54 -0.51 -14.73
CA LEU B 59 -9.05 0.81 -15.09
C LEU B 59 -7.95 1.60 -15.76
N PHE B 60 -8.22 2.12 -16.96
CA PHE B 60 -7.20 2.80 -17.77
C PHE B 60 -7.45 4.31 -17.84
N LEU B 61 -6.42 5.12 -17.58
CA LEU B 61 -6.54 6.59 -17.64
C LEU B 61 -5.59 7.21 -18.67
N HIS B 62 -6.17 7.77 -19.72
CA HIS B 62 -5.43 8.46 -20.77
C HIS B 62 -4.98 9.84 -20.30
N GLY B 63 -4.22 10.51 -21.16
CA GLY B 63 -3.83 11.89 -20.92
C GLY B 63 -4.18 12.79 -22.10
N PHE B 64 -3.39 13.86 -22.26
CA PHE B 64 -3.66 14.90 -23.26
C PHE B 64 -2.82 14.70 -24.52
N PRO B 65 -3.41 14.84 -25.72
CA PRO B 65 -4.82 15.08 -26.05
C PRO B 65 -5.49 13.78 -26.51
N ASP B 66 -5.29 12.71 -25.76
CA ASP B 66 -5.79 11.40 -26.16
C ASP B 66 -7.16 11.19 -25.54
N PHE B 67 -7.60 9.94 -25.53
CA PHE B 67 -8.83 9.53 -24.86
C PHE B 67 -8.83 8.02 -24.72
N SER B 68 -9.96 7.44 -24.35
CA SER B 68 -10.01 6.01 -24.03
C SER B 68 -9.43 5.11 -25.12
N HIS B 69 -9.53 5.56 -26.38
CA HIS B 69 -9.10 4.79 -27.54
C HIS B 69 -7.62 4.42 -27.55
N ILE B 70 -6.80 5.24 -26.89
CA ILE B 70 -5.36 4.99 -26.87
C ILE B 70 -5.04 3.62 -26.24
N TRP B 71 -5.98 3.06 -25.49
CA TRP B 71 -5.74 1.80 -24.76
C TRP B 71 -6.30 0.58 -25.49
N ARG B 72 -6.73 0.78 -26.74
CA ARG B 72 -7.39 -0.28 -27.49
C ARG B 72 -6.67 -1.63 -27.48
N HIS B 73 -5.35 -1.60 -27.63
CA HIS B 73 -4.56 -2.84 -27.66
C HIS B 73 -4.49 -3.57 -26.31
N GLN B 74 -4.58 -2.80 -25.23
CA GLN B 74 -4.60 -3.41 -23.89
C GLN B 74 -6.00 -3.90 -23.58
N ILE B 75 -7.01 -3.16 -24.02
CA ILE B 75 -8.37 -3.62 -23.86
C ILE B 75 -8.61 -4.95 -24.58
N ASP B 76 -8.06 -5.09 -25.78
N ASP B 76 -8.07 -5.07 -25.80
CA ASP B 76 -8.23 -6.33 -26.53
CA ASP B 76 -8.18 -6.30 -26.58
C ASP B 76 -7.47 -7.49 -25.88
C ASP B 76 -7.46 -7.46 -25.90
N GLU B 77 -6.28 -7.20 -25.37
CA GLU B 77 -5.45 -8.26 -24.76
C GLU B 77 -5.94 -8.72 -23.37
N PHE B 78 -6.29 -7.77 -22.50
CA PHE B 78 -6.57 -8.12 -21.10
C PHE B 78 -8.04 -8.37 -20.77
N SER B 79 -8.93 -8.15 -21.73
CA SER B 79 -10.36 -8.28 -21.46
C SER B 79 -10.84 -9.74 -21.38
N ASN B 80 -9.96 -10.69 -21.64
CA ASN B 80 -10.31 -12.08 -21.44
C ASN B 80 -10.13 -12.51 -20.00
N ASP B 81 -9.30 -11.78 -19.26
CA ASP B 81 -9.04 -12.12 -17.87
C ASP B 81 -9.46 -11.03 -16.88
N PHE B 82 -9.66 -9.82 -17.38
CA PHE B 82 -10.06 -8.70 -16.54
C PHE B 82 -11.29 -8.01 -17.09
N HIS B 83 -11.97 -7.26 -16.23
CA HIS B 83 -12.97 -6.29 -16.64
C HIS B 83 -12.20 -5.01 -16.97
N THR B 84 -11.92 -4.81 -18.25
CA THR B 84 -11.14 -3.65 -18.67
C THR B 84 -12.06 -2.49 -18.91
N VAL B 85 -11.74 -1.37 -18.27
CA VAL B 85 -12.51 -0.15 -18.39
C VAL B 85 -11.57 0.97 -18.70
N ALA B 86 -11.82 1.66 -19.81
CA ALA B 86 -11.03 2.83 -20.15
C ALA B 86 -11.94 4.04 -20.08
N LEU B 87 -11.58 4.97 -19.20
CA LEU B 87 -12.39 6.13 -18.91
C LEU B 87 -12.00 7.31 -19.79
N ASP B 88 -12.99 8.05 -20.29
CA ASP B 88 -12.72 9.36 -20.83
C ASP B 88 -12.81 10.34 -19.68
N LEU B 89 -11.70 11.00 -19.39
CA LEU B 89 -11.65 11.97 -18.29
C LEU B 89 -12.59 13.13 -18.56
N ARG B 90 -13.02 13.81 -17.49
CA ARG B 90 -13.96 14.91 -17.65
C ARG B 90 -13.41 15.90 -18.66
N GLY B 91 -14.30 16.37 -19.53
CA GLY B 91 -13.90 17.31 -20.57
C GLY B 91 -13.50 16.65 -21.88
N TYR B 92 -13.25 15.34 -21.86
CA TYR B 92 -12.74 14.62 -23.02
C TYR B 92 -13.80 13.80 -23.76
N ASN B 93 -13.74 13.80 -25.09
CA ASN B 93 -14.60 12.94 -25.91
C ASN B 93 -16.07 13.05 -25.49
N LEU B 94 -16.70 11.93 -25.19
CA LEU B 94 -18.13 11.93 -24.84
C LEU B 94 -18.43 12.20 -23.36
N SER B 95 -17.39 12.47 -22.58
CA SER B 95 -17.58 12.80 -21.18
C SER B 95 -18.10 14.23 -21.00
N GLU B 96 -18.74 14.49 -19.88
CA GLU B 96 -19.28 15.81 -19.63
C GLU B 96 -18.17 16.85 -19.57
N LYS B 97 -18.52 18.09 -19.92
CA LYS B 97 -17.56 19.16 -19.99
C LYS B 97 -18.02 20.27 -19.04
N PRO B 98 -17.85 20.06 -17.73
CA PRO B 98 -18.40 21.01 -16.75
C PRO B 98 -17.76 22.38 -16.81
N SER B 99 -18.57 23.41 -16.55
CA SER B 99 -18.09 24.78 -16.58
C SER B 99 -17.21 25.07 -15.37
N GLY B 100 -16.30 26.02 -15.51
CA GLY B 100 -15.54 26.53 -14.38
C GLY B 100 -14.17 25.88 -14.24
N LEU B 101 -13.15 26.72 -14.16
CA LEU B 101 -11.77 26.27 -14.04
C LEU B 101 -11.58 25.33 -12.85
N GLU B 102 -12.30 25.60 -11.77
CA GLU B 102 -12.14 24.83 -10.55
C GLU B 102 -12.68 23.39 -10.68
N SER B 103 -13.43 23.13 -11.75
CA SER B 103 -13.92 21.77 -12.04
C SER B 103 -12.79 20.85 -12.54
N TYR B 104 -11.63 21.41 -12.83
CA TYR B 104 -10.51 20.63 -13.36
C TYR B 104 -9.29 20.65 -12.43
N GLU B 105 -9.57 20.81 -11.13
CA GLU B 105 -8.52 20.79 -10.12
C GLU B 105 -8.22 19.34 -9.71
N ILE B 106 -7.00 19.09 -9.28
CA ILE B 106 -6.58 17.72 -8.92
C ILE B 106 -7.53 17.01 -7.94
N ASP B 107 -7.91 17.68 -6.86
CA ASP B 107 -8.78 17.03 -5.89
C ASP B 107 -10.04 16.51 -6.56
N VAL B 108 -10.59 17.32 -7.48
CA VAL B 108 -11.79 16.92 -8.19
C VAL B 108 -11.52 15.69 -9.07
N LEU B 109 -10.43 15.74 -9.82
CA LEU B 109 -10.06 14.64 -10.73
C LEU B 109 -9.83 13.34 -9.96
N VAL B 110 -9.13 13.45 -8.84
CA VAL B 110 -8.84 12.30 -7.99
C VAL B 110 -10.14 11.68 -7.46
N GLU B 111 -11.07 12.55 -7.04
CA GLU B 111 -12.34 12.05 -6.55
C GLU B 111 -13.13 11.34 -7.67
N ASP B 112 -13.06 11.87 -8.90
CA ASP B 112 -13.68 11.17 -10.04
C ASP B 112 -13.23 9.70 -10.04
N ILE B 113 -11.93 9.48 -9.91
CA ILE B 113 -11.40 8.13 -9.98
C ILE B 113 -11.95 7.27 -8.84
N ARG B 114 -11.92 7.82 -7.64
CA ARG B 114 -12.41 7.06 -6.49
C ARG B 114 -13.84 6.60 -6.76
N GLN B 115 -14.69 7.53 -7.20
CA GLN B 115 -16.11 7.24 -7.38
C GLN B 115 -16.37 6.31 -8.55
N VAL B 116 -15.55 6.41 -9.58
CA VAL B 116 -15.67 5.48 -10.71
C VAL B 116 -15.47 4.05 -10.25
N ILE B 117 -14.42 3.82 -9.47
CA ILE B 117 -14.11 2.47 -9.01
C ILE B 117 -15.29 1.92 -8.21
N GLU B 118 -15.76 2.69 -7.25
CA GLU B 118 -16.91 2.28 -6.43
C GLU B 118 -18.17 2.12 -7.27
N GLY B 119 -18.44 3.09 -8.14
CA GLY B 119 -19.60 3.07 -9.02
C GLY B 119 -19.68 1.83 -9.90
N LEU B 120 -18.53 1.35 -10.37
CA LEU B 120 -18.49 0.12 -11.18
C LEU B 120 -18.69 -1.13 -10.32
N GLY B 121 -18.76 -0.92 -9.00
CA GLY B 121 -19.03 -2.01 -8.07
C GLY B 121 -17.81 -2.64 -7.41
N TYR B 122 -16.68 -1.93 -7.43
CA TYR B 122 -15.43 -2.46 -6.89
C TYR B 122 -14.93 -1.66 -5.68
N SER B 123 -14.07 -2.27 -4.87
CA SER B 123 -13.41 -1.56 -3.77
C SER B 123 -11.94 -1.25 -4.11
N SER B 124 -11.43 -1.88 -5.15
CA SER B 124 -10.07 -1.61 -5.63
C SER B 124 -9.91 -2.09 -7.06
N CYS B 125 -8.77 -1.76 -7.67
CA CYS B 125 -8.52 -2.06 -9.08
C CYS B 125 -7.03 -2.11 -9.38
N THR B 126 -6.70 -2.62 -10.56
CA THR B 126 -5.37 -2.41 -11.12
C THR B 126 -5.47 -1.16 -11.99
N LEU B 127 -4.63 -0.17 -11.69
CA LEU B 127 -4.76 1.14 -12.33
C LEU B 127 -3.66 1.31 -13.35
N VAL B 128 -4.02 1.69 -14.57
CA VAL B 128 -3.05 1.78 -15.66
C VAL B 128 -3.16 3.18 -16.25
N VAL B 129 -2.05 3.89 -16.29
CA VAL B 129 -2.12 5.34 -16.48
C VAL B 129 -1.01 5.89 -17.37
N HIS B 130 -1.31 7.05 -17.98
CA HIS B 130 -0.41 7.66 -18.95
C HIS B 130 -0.60 9.17 -18.95
N ASP B 131 0.49 9.92 -18.98
CA ASP B 131 0.43 11.37 -19.22
C ASP B 131 -0.43 12.08 -18.13
N TRP B 132 -1.39 12.92 -18.50
CA TRP B 132 -2.26 13.53 -17.48
C TRP B 132 -2.91 12.47 -16.59
N GLY B 133 -3.27 11.32 -17.18
CA GLY B 133 -3.85 10.24 -16.41
C GLY B 133 -2.89 9.69 -15.36
N ALA B 134 -1.59 9.77 -15.65
CA ALA B 134 -0.56 9.38 -14.67
C ALA B 134 -0.41 10.45 -13.61
N GLY B 135 -0.46 11.72 -14.01
CA GLY B 135 -0.39 12.79 -13.03
C GLY B 135 -1.49 12.58 -12.00
N ILE B 136 -2.69 12.31 -12.50
CA ILE B 136 -3.85 12.05 -11.65
C ILE B 136 -3.74 10.70 -10.92
N GLY B 137 -3.37 9.68 -11.68
CA GLY B 137 -3.30 8.32 -11.15
C GLY B 137 -2.25 8.13 -10.08
N TRP B 138 -1.07 8.72 -10.26
CA TRP B 138 -0.05 8.65 -9.20
C TRP B 138 -0.61 9.29 -7.91
N THR B 139 -1.21 10.47 -8.07
CA THR B 139 -1.74 11.21 -6.93
C THR B 139 -2.83 10.39 -6.23
N PHE B 140 -3.76 9.84 -7.02
CA PHE B 140 -4.80 8.95 -6.48
C PHE B 140 -4.21 7.79 -5.68
N ALA B 141 -3.17 7.16 -6.23
CA ALA B 141 -2.58 5.97 -5.60
C ALA B 141 -1.89 6.32 -4.31
N TYR B 142 -1.11 7.41 -4.31
CA TYR B 142 -0.50 7.86 -3.05
C TYR B 142 -1.55 8.11 -1.97
N ARG B 143 -2.66 8.73 -2.33
CA ARG B 143 -3.68 9.11 -1.35
C ARG B 143 -4.61 7.98 -0.99
N TYR B 144 -4.84 7.07 -1.94
CA TYR B 144 -5.78 5.98 -1.76
C TYR B 144 -5.17 4.61 -2.09
N PRO B 145 -4.09 4.23 -1.37
CA PRO B 145 -3.45 2.95 -1.70
C PRO B 145 -4.39 1.77 -1.51
N GLU B 146 -5.38 1.91 -0.62
CA GLU B 146 -6.35 0.84 -0.42
C GLU B 146 -7.23 0.59 -1.65
N TYR B 147 -7.25 1.55 -2.58
CA TYR B 147 -8.06 1.42 -3.79
C TYR B 147 -7.27 0.82 -4.97
N VAL B 148 -5.96 0.74 -4.83
CA VAL B 148 -5.11 0.32 -5.94
C VAL B 148 -4.27 -0.91 -5.63
N GLN B 149 -4.63 -2.05 -6.22
CA GLN B 149 -3.91 -3.31 -6.02
C GLN B 149 -2.54 -3.25 -6.63
N LYS B 150 -2.48 -2.73 -7.86
CA LYS B 150 -1.21 -2.55 -8.57
C LYS B 150 -1.35 -1.34 -9.48
N LEU B 151 -0.25 -0.61 -9.66
CA LEU B 151 -0.22 0.52 -10.57
C LEU B 151 0.72 0.22 -11.73
N ILE B 152 0.26 0.48 -12.95
CA ILE B 152 1.14 0.43 -14.12
C ILE B 152 1.17 1.83 -14.71
N ALA B 153 2.36 2.45 -14.75
CA ALA B 153 2.45 3.85 -15.19
C ALA B 153 3.37 4.00 -16.41
N PHE B 154 2.83 4.62 -17.45
CA PHE B 154 3.61 4.92 -18.65
C PHE B 154 4.14 6.35 -18.56
N ASN B 155 4.77 6.82 -19.63
CA ASN B 155 5.29 8.19 -19.66
C ASN B 155 4.31 9.20 -19.05
N GLY B 156 4.82 10.04 -18.14
CA GLY B 156 4.01 10.97 -17.40
C GLY B 156 4.76 11.40 -16.14
N PRO B 157 4.24 12.41 -15.44
CA PRO B 157 4.95 12.98 -14.29
C PRO B 157 4.72 12.17 -13.02
N HIS B 158 5.79 11.60 -12.43
CA HIS B 158 5.72 11.10 -11.06
C HIS B 158 5.72 12.33 -10.15
N PRO B 159 4.84 12.36 -9.14
CA PRO B 159 4.65 13.60 -8.38
C PRO B 159 5.93 14.22 -7.84
N TYR B 160 6.86 13.39 -7.35
CA TYR B 160 8.06 13.93 -6.72
C TYR B 160 9.24 14.11 -7.69
N THR B 161 9.49 13.13 -8.55
CA THR B 161 10.65 13.24 -9.44
C THR B 161 10.42 14.31 -10.51
N PHE B 162 9.16 14.54 -10.90
CA PHE B 162 8.92 15.53 -11.95
C PHE B 162 9.31 16.93 -11.44
N MET B 163 8.89 17.27 -10.22
CA MET B 163 9.27 18.55 -9.65
C MET B 163 10.79 18.67 -9.58
N ARG B 164 11.45 17.60 -9.17
CA ARG B 164 12.91 17.58 -9.13
C ARG B 164 13.53 17.90 -10.49
N GLU B 165 13.02 17.26 -11.54
CA GLU B 165 13.58 17.44 -12.88
C GLU B 165 13.30 18.84 -13.44
N LEU B 166 12.09 19.35 -13.21
CA LEU B 166 11.79 20.71 -13.60
C LEU B 166 12.81 21.66 -12.98
N ARG B 167 13.24 21.33 -11.76
CA ARG B 167 14.20 22.19 -11.04
C ARG B 167 15.62 22.19 -11.62
N THR B 168 16.10 21.01 -12.04
CA THR B 168 17.54 20.87 -12.31
C THR B 168 17.87 20.43 -13.73
N ASN B 169 16.91 19.81 -14.40
CA ASN B 169 17.12 19.28 -15.73
C ASN B 169 16.77 20.32 -16.81
N LYS B 170 17.80 20.91 -17.41
CA LYS B 170 17.61 21.92 -18.45
C LYS B 170 16.78 21.38 -19.60
N ASN B 171 17.05 20.13 -19.97
CA ASN B 171 16.31 19.48 -21.03
C ASN B 171 14.83 19.29 -20.71
N GLN B 172 14.53 19.02 -19.45
CA GLN B 172 13.13 18.90 -19.02
C GLN B 172 12.44 20.26 -19.00
N GLN B 173 13.15 21.30 -18.57
CA GLN B 173 12.60 22.64 -18.56
C GLN B 173 12.24 23.03 -20.00
N LYS B 174 13.17 22.79 -20.91
CA LYS B 174 12.94 23.04 -22.32
C LYS B 174 11.72 22.25 -22.77
N ALA B 175 11.70 20.97 -22.43
CA ALA B 175 10.62 20.08 -22.87
C ALA B 175 9.26 20.57 -22.39
N SER B 176 9.22 21.18 -21.20
CA SER B 176 7.96 21.53 -20.54
C SER B 176 7.53 22.98 -20.75
N GLU B 177 8.27 23.69 -21.60
CA GLU B 177 8.00 25.09 -21.90
C GLU B 177 6.56 25.32 -22.34
N TYR B 178 6.04 24.42 -23.17
CA TYR B 178 4.70 24.58 -23.72
C TYR B 178 3.66 24.76 -22.63
N MET B 179 3.94 24.22 -21.44
CA MET B 179 2.97 24.33 -20.34
C MET B 179 2.77 25.79 -19.92
N LYS B 180 3.82 26.61 -20.07
CA LYS B 180 3.69 28.02 -19.78
C LYS B 180 2.79 28.63 -20.84
N TRP B 181 3.07 28.27 -22.09
CA TRP B 181 2.31 28.73 -23.23
C TRP B 181 0.82 28.37 -23.06
N PHE B 182 0.56 27.15 -22.59
CA PHE B 182 -0.81 26.65 -22.43
C PHE B 182 -1.65 27.48 -21.46
N GLN B 183 -0.99 28.35 -20.69
CA GLN B 183 -1.73 29.21 -19.77
C GLN B 183 -2.47 30.28 -20.56
N LYS B 184 -2.02 30.50 -21.80
CA LYS B 184 -2.49 31.62 -22.63
C LYS B 184 -3.74 31.31 -23.44
N GLN B 185 -4.61 32.31 -23.56
CA GLN B 185 -5.86 32.19 -24.29
C GLN B 185 -5.65 31.76 -25.76
N GLU B 186 -4.58 32.26 -26.37
CA GLU B 186 -4.32 32.00 -27.78
C GLU B 186 -4.11 30.52 -28.11
N VAL B 187 -3.83 29.70 -27.11
CA VAL B 187 -3.51 28.31 -27.41
C VAL B 187 -4.73 27.54 -27.90
N GLN B 188 -5.91 27.90 -27.42
CA GLN B 188 -7.09 27.15 -27.82
C GLN B 188 -7.36 27.26 -29.33
N ASP B 189 -7.27 28.47 -29.87
CA ASP B 189 -7.46 28.67 -31.31
C ASP B 189 -6.43 27.88 -32.10
N TYR B 190 -5.18 27.92 -31.64
CA TYR B 190 -4.12 27.15 -32.28
C TYR B 190 -4.48 25.66 -32.32
N MET B 191 -5.14 25.18 -31.28
CA MET B 191 -5.43 23.74 -31.17
C MET B 191 -6.65 23.34 -32.00
N GLU B 192 -7.61 24.25 -32.12
CA GLU B 192 -8.87 23.95 -32.79
C GLU B 192 -8.91 24.25 -34.29
N ARG B 193 -8.24 25.33 -34.71
CA ARG B 193 -8.41 25.83 -36.07
C ARG B 193 -7.97 24.84 -37.15
N ASP B 194 -8.58 24.93 -38.33
CA ASP B 194 -8.26 24.04 -39.45
C ASP B 194 -8.35 22.56 -39.06
N ASN B 195 -9.51 22.15 -38.57
CA ASN B 195 -9.73 20.76 -38.18
C ASN B 195 -8.68 20.31 -37.17
N PHE B 196 -8.59 21.03 -36.06
CA PHE B 196 -7.72 20.66 -34.94
C PHE B 196 -6.25 20.52 -35.31
N SER B 197 -5.73 21.48 -36.08
CA SER B 197 -4.35 21.39 -36.58
C SER B 197 -3.29 21.23 -35.48
N GLY B 198 -3.42 22.00 -34.41
CA GLY B 198 -2.48 21.94 -33.30
C GLY B 198 -2.45 20.57 -32.62
N LEU B 199 -3.62 19.99 -32.44
CA LEU B 199 -3.71 18.65 -31.86
C LEU B 199 -3.17 17.59 -32.82
N ARG B 200 -3.47 17.73 -34.11
CA ARG B 200 -2.95 16.80 -35.11
C ARG B 200 -1.41 16.80 -35.12
N LYS B 201 -0.81 17.98 -35.05
CA LYS B 201 0.65 18.11 -35.03
C LYS B 201 1.25 17.38 -33.84
N LEU B 202 0.52 17.40 -32.73
CA LEU B 202 1.03 16.86 -31.48
C LEU B 202 1.07 15.32 -31.48
N VAL B 203 -0.01 14.68 -31.91
CA VAL B 203 -0.09 13.21 -31.82
C VAL B 203 -0.28 12.49 -33.16
N ILE B 204 -0.98 13.12 -34.10
CA ILE B 204 -1.23 12.46 -35.37
C ILE B 204 0.02 12.38 -36.25
N ASP B 205 0.71 13.49 -36.43
CA ASP B 205 1.90 13.51 -37.27
C ASP B 205 2.93 12.43 -36.90
N PRO B 206 3.33 12.36 -35.62
CA PRO B 206 4.33 11.34 -35.24
C PRO B 206 3.77 9.93 -35.34
N GLY B 207 2.50 9.74 -35.00
CA GLY B 207 1.89 8.42 -35.01
C GLY B 207 1.73 7.83 -36.41
N VAL B 208 1.33 8.67 -37.35
CA VAL B 208 1.20 8.21 -38.74
C VAL B 208 2.57 7.97 -39.35
N LYS B 209 3.52 8.85 -39.03
CA LYS B 209 4.87 8.71 -39.55
C LYS B 209 5.58 7.45 -39.07
N LYS B 210 5.40 7.08 -37.80
CA LYS B 210 6.03 5.88 -37.26
C LYS B 210 5.25 4.62 -37.61
N GLY B 211 4.04 4.81 -38.12
CA GLY B 211 3.22 3.73 -38.63
C GLY B 211 2.32 3.04 -37.62
N TYR B 212 2.20 3.58 -36.41
CA TYR B 212 1.35 2.92 -35.43
C TYR B 212 -0.07 3.50 -35.31
N LEU B 213 -0.32 4.61 -36.01
CA LEU B 213 -1.68 5.10 -36.18
C LEU B 213 -2.18 4.81 -37.60
N THR B 214 -3.27 4.07 -37.73
CA THR B 214 -3.87 3.84 -39.04
C THR B 214 -4.84 4.98 -39.34
N ALA B 215 -5.39 5.00 -40.54
CA ALA B 215 -6.39 5.99 -40.92
C ALA B 215 -7.57 5.94 -39.95
N ASP B 216 -7.94 4.75 -39.53
CA ASP B 216 -9.05 4.62 -38.60
C ASP B 216 -8.74 5.18 -37.21
N ASP B 217 -7.49 5.06 -36.78
CA ASP B 217 -7.05 5.74 -35.55
C ASP B 217 -7.17 7.26 -35.67
N VAL B 218 -6.68 7.80 -36.78
CA VAL B 218 -6.80 9.24 -37.00
C VAL B 218 -8.27 9.67 -36.93
N GLN B 219 -9.15 8.91 -37.58
CA GLN B 219 -10.59 9.16 -37.52
C GLN B 219 -11.12 9.16 -36.08
N ALA B 220 -10.68 8.17 -35.29
CA ALA B 220 -11.12 8.07 -33.90
C ALA B 220 -10.69 9.31 -33.11
N TYR B 221 -9.45 9.74 -33.33
CA TYR B 221 -8.94 10.94 -32.68
C TYR B 221 -9.73 12.18 -33.09
N MET B 222 -9.96 12.34 -34.38
CA MET B 222 -10.67 13.51 -34.89
C MET B 222 -12.06 13.59 -34.28
N ASN B 223 -12.78 12.47 -34.27
CA ASN B 223 -14.11 12.43 -33.69
C ASN B 223 -14.12 12.75 -32.20
N SER B 224 -13.12 12.25 -31.47
CA SER B 224 -13.02 12.57 -30.05
C SER B 224 -12.86 14.07 -29.86
N TRP B 225 -12.08 14.71 -30.72
CA TRP B 225 -11.87 16.15 -30.56
C TRP B 225 -13.13 16.96 -30.89
N GLU B 226 -13.93 16.45 -31.81
CA GLU B 226 -15.20 17.12 -32.11
C GLU B 226 -16.18 16.97 -30.96
N ASN B 227 -16.10 15.85 -30.24
CA ASN B 227 -16.99 15.61 -29.10
C ASN B 227 -16.53 16.29 -27.82
N GLY B 228 -15.22 16.37 -27.61
CA GLY B 228 -14.66 16.92 -26.39
C GLY B 228 -14.56 18.45 -26.43
N SER B 229 -14.03 19.03 -25.36
CA SER B 229 -13.82 20.48 -25.31
C SER B 229 -12.34 20.79 -25.10
N VAL B 230 -11.73 21.51 -26.05
CA VAL B 230 -10.34 21.93 -25.90
C VAL B 230 -10.19 22.87 -24.71
N LEU B 231 -11.21 23.70 -24.48
CA LEU B 231 -11.21 24.56 -23.31
C LEU B 231 -11.04 23.71 -22.04
N SER B 232 -11.88 22.68 -21.91
CA SER B 232 -11.79 21.77 -20.78
C SER B 232 -10.38 21.17 -20.66
N MET B 233 -9.86 20.67 -21.78
CA MET B 233 -8.56 20.01 -21.78
C MET B 233 -7.45 20.90 -21.29
N LEU B 234 -7.45 22.15 -21.75
CA LEU B 234 -6.43 23.10 -21.35
C LEU B 234 -6.61 23.56 -19.89
N SER B 235 -7.85 23.47 -19.39
CA SER B 235 -8.16 23.87 -18.02
C SER B 235 -7.39 23.06 -16.97
N TYR B 236 -7.12 21.79 -17.29
CA TYR B 236 -6.26 20.95 -16.45
C TYR B 236 -4.95 21.65 -16.19
N TYR B 237 -4.34 22.16 -17.26
CA TYR B 237 -3.04 22.80 -17.19
C TYR B 237 -3.08 24.15 -16.47
N ARG B 238 -4.25 24.80 -16.51
CA ARG B 238 -4.38 26.15 -15.95
C ARG B 238 -4.61 26.15 -14.45
N ASN B 239 -4.54 24.95 -13.86
CA ASN B 239 -4.54 24.81 -12.40
C ASN B 239 -3.17 24.35 -11.88
N LEU B 240 -2.21 24.18 -12.79
CA LEU B 240 -0.87 23.72 -12.39
C LEU B 240 -0.11 24.82 -11.62
N LYS B 241 0.59 24.41 -10.56
CA LYS B 241 1.36 25.37 -9.78
C LYS B 241 2.86 25.07 -9.89
N ILE B 242 3.45 25.41 -11.02
CA ILE B 242 4.84 25.08 -11.28
C ILE B 242 5.56 26.21 -11.99
N PHE B 243 4.95 27.39 -11.99
CA PHE B 243 5.43 28.46 -12.88
C PHE B 243 6.26 29.56 -12.19
N THR B 244 6.06 29.74 -10.89
CA THR B 244 6.85 30.71 -10.15
C THR B 244 8.03 29.99 -9.50
N GLU B 245 8.99 30.77 -9.02
CA GLU B 245 10.16 30.18 -8.38
C GLU B 245 9.78 29.53 -7.06
N GLU B 246 8.78 30.10 -6.41
CA GLU B 246 8.29 29.55 -5.16
C GLU B 246 7.59 28.20 -5.41
N ASP B 247 6.70 28.17 -6.39
CA ASP B 247 5.96 26.94 -6.71
C ASP B 247 6.91 25.83 -7.20
N LEU B 248 7.97 26.21 -7.90
CA LEU B 248 8.94 25.23 -8.40
C LEU B 248 9.67 24.52 -7.28
N ARG B 249 9.63 25.09 -6.08
CA ARG B 249 10.28 24.47 -4.94
C ARG B 249 9.38 23.46 -4.20
N ARG B 250 8.10 23.44 -4.54
CA ARG B 250 7.18 22.47 -3.95
C ARG B 250 7.70 21.06 -4.19
N LYS B 251 7.49 20.18 -3.22
CA LYS B 251 8.03 18.82 -3.23
C LYS B 251 7.34 17.90 -4.24
N SER B 252 6.01 17.96 -4.32
CA SER B 252 5.29 17.15 -5.29
C SER B 252 4.43 18.01 -6.23
N LEU B 253 4.24 17.53 -7.46
CA LEU B 253 3.50 18.27 -8.48
C LEU B 253 2.12 18.67 -7.96
N PHE B 254 1.45 17.74 -7.29
CA PHE B 254 0.20 18.01 -6.61
C PHE B 254 0.41 17.74 -5.12
N PRO B 255 -0.27 18.52 -4.27
CA PRO B 255 -0.01 18.37 -2.83
C PRO B 255 -0.20 16.92 -2.36
N LEU B 256 0.76 16.40 -1.60
CA LEU B 256 0.66 15.07 -1.02
C LEU B 256 1.16 15.05 0.42
N GLU B 257 0.38 14.43 1.31
CA GLU B 257 0.87 14.13 2.65
C GLU B 257 1.78 12.90 2.61
N GLU B 258 1.39 11.92 1.80
CA GLU B 258 2.16 10.70 1.70
C GLU B 258 3.42 10.92 0.87
N GLU B 259 4.56 10.54 1.42
CA GLU B 259 5.83 10.65 0.70
C GLU B 259 6.30 9.34 0.06
N VAL B 260 5.62 8.24 0.35
CA VAL B 260 5.90 6.97 -0.33
C VAL B 260 4.62 6.28 -0.74
N LEU B 261 4.72 5.46 -1.77
CA LEU B 261 3.62 4.63 -2.21
C LEU B 261 4.18 3.22 -2.23
N ASN B 262 3.52 2.32 -1.51
CA ASN B 262 4.11 1.01 -1.21
C ASN B 262 3.47 -0.19 -1.91
N ILE B 263 2.44 0.06 -2.72
CA ILE B 263 1.83 -1.02 -3.50
C ILE B 263 2.80 -1.40 -4.63
N PRO B 264 2.59 -2.57 -5.24
CA PRO B 264 3.49 -2.93 -6.35
C PRO B 264 3.24 -1.98 -7.53
N VAL B 265 4.32 -1.49 -8.12
CA VAL B 265 4.23 -0.55 -9.24
C VAL B 265 5.14 -0.99 -10.37
N GLN B 266 4.64 -0.87 -11.60
CA GLN B 266 5.44 -1.09 -12.79
C GLN B 266 5.46 0.17 -13.62
N ILE B 267 6.65 0.59 -14.01
CA ILE B 267 6.79 1.65 -15.01
C ILE B 267 7.19 1.08 -16.36
N ILE B 268 6.50 1.54 -17.40
CA ILE B 268 6.80 1.17 -18.78
C ILE B 268 7.01 2.48 -19.54
N TRP B 269 8.24 2.72 -19.98
CA TRP B 269 8.67 4.07 -20.32
C TRP B 269 9.39 4.15 -21.65
N GLY B 270 8.86 4.97 -22.56
CA GLY B 270 9.51 5.22 -23.84
C GLY B 270 10.58 6.27 -23.75
N ASN B 271 11.83 5.85 -23.90
CA ASN B 271 12.99 6.73 -23.74
C ASN B 271 13.02 7.94 -24.65
N GLN B 272 12.41 7.83 -25.82
CA GLN B 272 12.54 8.90 -26.82
C GLN B 272 11.45 9.96 -26.67
N ASP B 273 10.62 9.83 -25.65
CA ASP B 273 9.58 10.83 -25.37
C ASP B 273 10.16 12.25 -25.31
N PRO B 274 9.70 13.14 -26.20
CA PRO B 274 10.18 14.54 -26.10
C PRO B 274 9.52 15.29 -24.93
N THR B 275 8.42 14.76 -24.40
CA THR B 275 7.66 15.46 -23.35
C THR B 275 8.28 15.26 -21.97
N PHE B 276 8.72 14.03 -21.68
CA PHE B 276 9.31 13.70 -20.39
C PHE B 276 10.66 13.01 -20.58
N MET B 277 11.69 13.63 -20.01
CA MET B 277 13.07 13.14 -20.11
C MET B 277 13.29 11.87 -19.29
N PRO B 278 14.24 11.02 -19.73
CA PRO B 278 14.48 9.74 -19.04
C PRO B 278 14.81 9.89 -17.56
N GLU B 279 15.40 11.04 -17.18
CA GLU B 279 15.84 11.23 -15.80
C GLU B 279 14.69 11.30 -14.79
N ASN B 280 13.47 11.41 -15.29
CA ASN B 280 12.31 11.33 -14.43
C ASN B 280 12.29 10.03 -13.64
N LEU B 281 12.97 9.02 -14.17
CA LEU B 281 13.01 7.70 -13.51
C LEU B 281 14.12 7.55 -12.48
N ASP B 282 15.08 8.47 -12.46
CA ASP B 282 16.23 8.34 -11.55
C ASP B 282 15.81 8.42 -10.08
N GLY B 283 16.27 7.46 -9.28
CA GLY B 283 15.98 7.41 -7.86
C GLY B 283 14.51 7.35 -7.49
N ILE B 284 13.71 6.80 -8.40
CA ILE B 284 12.27 6.76 -8.16
C ILE B 284 11.93 5.78 -7.03
N GLU B 285 12.78 4.78 -6.84
N GLU B 285 12.78 4.77 -6.83
CA GLU B 285 12.63 3.79 -5.77
CA GLU B 285 12.58 3.78 -5.78
C GLU B 285 12.43 4.45 -4.41
C GLU B 285 12.52 4.39 -4.38
N GLU B 286 13.11 5.58 -4.21
CA GLU B 286 13.02 6.29 -2.95
C GLU B 286 11.57 6.61 -2.59
N TYR B 287 10.77 6.88 -3.62
CA TYR B 287 9.39 7.28 -3.43
C TYR B 287 8.42 6.13 -3.67
N VAL B 288 8.91 5.08 -4.31
CA VAL B 288 8.08 3.94 -4.71
C VAL B 288 8.90 2.66 -4.50
N PRO B 289 8.94 2.18 -3.25
CA PRO B 289 9.92 1.17 -2.86
C PRO B 289 9.73 -0.17 -3.57
N ASN B 290 8.51 -0.51 -3.93
CA ASN B 290 8.25 -1.81 -4.59
C ASN B 290 8.02 -1.67 -6.10
N ILE B 291 8.92 -0.93 -6.74
CA ILE B 291 8.75 -0.59 -8.13
C ILE B 291 9.61 -1.49 -9.04
N SER B 292 9.11 -1.71 -10.25
CA SER B 292 9.89 -2.32 -11.33
C SER B 292 9.82 -1.37 -12.51
N VAL B 293 10.92 -1.24 -13.24
CA VAL B 293 10.99 -0.24 -14.32
C VAL B 293 11.45 -0.90 -15.62
N HIS B 294 10.68 -0.73 -16.68
CA HIS B 294 11.03 -1.28 -17.99
C HIS B 294 11.11 -0.15 -19.02
N ARG B 295 12.32 0.15 -19.47
CA ARG B 295 12.54 1.20 -20.44
C ARG B 295 12.57 0.65 -21.86
N LEU B 296 11.89 1.34 -22.76
CA LEU B 296 11.90 0.97 -24.17
C LEU B 296 12.74 2.01 -24.88
N ALA B 297 13.92 1.61 -25.34
CA ALA B 297 14.85 2.58 -25.91
C ALA B 297 14.36 3.11 -27.24
N GLU B 298 13.49 2.34 -27.90
CA GLU B 298 13.01 2.72 -29.22
C GLU B 298 11.55 3.19 -29.25
N ALA B 299 10.97 3.42 -28.07
CA ALA B 299 9.61 3.98 -28.01
C ALA B 299 9.63 5.44 -27.55
N SER B 300 8.55 6.16 -27.86
CA SER B 300 8.47 7.57 -27.51
C SER B 300 7.38 7.78 -26.46
N HIS B 301 6.55 8.80 -26.66
CA HIS B 301 5.63 9.26 -25.63
C HIS B 301 4.52 8.28 -25.24
N ALA B 302 4.04 7.49 -26.21
CA ALA B 302 2.89 6.62 -25.98
C ALA B 302 3.18 5.15 -26.33
N PRO B 303 3.99 4.48 -25.50
CA PRO B 303 4.41 3.11 -25.79
C PRO B 303 3.26 2.14 -25.95
N GLN B 304 2.17 2.35 -25.20
CA GLN B 304 1.05 1.41 -25.18
C GLN B 304 0.43 1.16 -26.55
N HIS B 305 0.44 2.15 -27.44
CA HIS B 305 0.00 1.88 -28.81
C HIS B 305 1.10 2.00 -29.88
N GLU B 306 2.29 2.44 -29.49
CA GLU B 306 3.43 2.42 -30.39
C GLU B 306 4.07 1.02 -30.50
N LYS B 307 4.24 0.36 -29.34
CA LYS B 307 4.78 -1.00 -29.28
C LYS B 307 3.86 -1.89 -28.45
N PRO B 308 2.63 -2.09 -28.93
CA PRO B 308 1.61 -2.75 -28.11
C PRO B 308 1.97 -4.19 -27.67
N GLN B 309 2.61 -4.97 -28.53
CA GLN B 309 2.89 -6.36 -28.18
C GLN B 309 3.97 -6.43 -27.09
N GLU B 310 5.02 -5.62 -27.23
CA GLU B 310 6.06 -5.59 -26.22
C GLU B 310 5.49 -5.09 -24.89
N VAL B 311 4.69 -4.03 -24.97
CA VAL B 311 4.05 -3.48 -23.78
C VAL B 311 3.15 -4.50 -23.10
N ASN B 312 2.29 -5.17 -23.86
CA ASN B 312 1.40 -6.17 -23.27
C ASN B 312 2.18 -7.25 -22.53
N ASN B 313 3.29 -7.70 -23.09
CA ASN B 313 4.13 -8.68 -22.41
C ASN B 313 4.70 -8.19 -21.08
N VAL B 314 5.20 -6.95 -21.08
CA VAL B 314 5.72 -6.36 -19.85
C VAL B 314 4.60 -6.28 -18.82
N MET B 315 3.41 -5.91 -19.27
CA MET B 315 2.27 -5.80 -18.38
C MET B 315 1.92 -7.16 -17.77
N TRP B 316 1.79 -8.18 -18.61
CA TRP B 316 1.52 -9.54 -18.12
C TRP B 316 2.60 -9.96 -17.13
N ASN B 317 3.86 -9.70 -17.45
CA ASN B 317 4.95 -10.15 -16.59
C ASN B 317 4.97 -9.49 -15.21
N PHE B 318 4.39 -8.30 -15.14
CA PHE B 318 4.25 -7.59 -13.87
C PHE B 318 3.02 -8.12 -13.15
N LEU B 319 1.92 -8.26 -13.88
CA LEU B 319 0.69 -8.75 -13.28
C LEU B 319 0.88 -10.17 -12.74
N ASN B 320 1.74 -10.93 -13.39
CA ASN B 320 1.96 -12.33 -13.05
C ASN B 320 3.17 -12.56 -12.15
N LYS B 321 3.85 -11.47 -11.78
CA LYS B 321 5.12 -11.58 -11.08
C LYS B 321 5.01 -12.26 -9.72
CF PO6 C . -4.16 -11.40 20.31
CD PO6 C . -4.65 -10.24 19.71
CC PO6 C . -6.02 -10.02 19.62
CE PO6 C . -6.90 -10.96 20.14
CG PO6 C . -6.39 -12.12 20.74
CK PO6 C . -5.03 -12.34 20.84
OI PO6 C . -4.57 -13.48 21.44
CH PO6 C . -3.25 -13.33 22.01
CJ PO6 C . -2.83 -14.56 22.82
OB PO6 C . -3.66 -15.02 23.60
NA PO6 C . -1.59 -15.05 22.73
CF PO6 D . -15.48 -16.98 21.86
CD PO6 D . -14.48 -16.26 22.54
CC PO6 D . -14.47 -14.88 22.49
CE PO6 D . -15.44 -14.20 21.76
CG PO6 D . -16.43 -14.90 21.08
CK PO6 D . -16.44 -16.29 21.12
OI PO6 D . -17.41 -16.99 20.46
CH PO6 D . -18.63 -16.25 20.28
CJ PO6 D . -19.64 -17.17 19.59
OB PO6 D . -20.47 -16.70 18.82
NA PO6 D . -19.57 -18.48 19.88
CF PO6 E . 1.43 -21.80 22.62
CD PO6 E . 1.86 -22.99 22.04
CC PO6 E . 3.20 -23.18 21.72
CE PO6 E . 4.12 -22.16 21.98
CG PO6 E . 3.71 -20.98 22.57
CK PO6 E . 2.37 -20.79 22.87
OI PO6 E . 1.96 -19.61 23.45
CH PO6 E . 0.59 -19.35 23.15
CJ PO6 E . 0.46 -17.96 23.78
OB PO6 E . -0.62 -17.58 24.21
NA PO6 E . 1.58 -17.24 23.81
S SO4 F . 14.94 -24.54 11.87
O1 SO4 F . 15.89 -25.45 11.23
O2 SO4 F . 14.18 -25.28 12.89
O3 SO4 F . 14.03 -24.01 10.86
O4 SO4 F . 15.67 -23.43 12.52
S SO4 G . -19.63 -13.92 8.15
O1 SO4 G . -19.64 -14.88 7.04
O2 SO4 G . -19.47 -14.66 9.42
O3 SO4 G . -18.53 -12.98 7.96
O4 SO4 G . -20.90 -13.19 8.19
CF PO6 H . 4.57 13.02 -28.69
CD PO6 H . 5.60 12.33 -29.31
CC PO6 H . 5.36 11.08 -29.87
CE PO6 H . 4.09 10.52 -29.81
CG PO6 H . 3.06 11.21 -29.17
CK PO6 H . 3.29 12.46 -28.62
OI PO6 H . 2.27 13.11 -28.02
CH PO6 H . 2.70 14.05 -27.00
CJ PO6 H . 1.45 14.65 -26.30
OB PO6 H . 0.45 13.94 -26.20
NA PO6 H . 1.50 15.89 -25.81
CF PO6 I . 0.45 16.28 -17.89
CD PO6 I . 0.30 16.14 -16.52
CC PO6 I . 1.12 16.84 -15.66
CE PO6 I . 2.11 17.67 -16.16
CG PO6 I . 2.26 17.81 -17.54
CK PO6 I . 1.44 17.10 -18.41
OI PO6 I . 1.57 17.26 -19.77
CH PO6 I . 1.14 16.14 -20.55
CJ PO6 I . 1.23 16.57 -22.03
OB PO6 I . 1.54 17.74 -22.27
NA PO6 I . 0.91 15.70 -22.99
S SO4 J . 5.28 -4.31 -31.10
O1 SO4 J . 3.83 -4.33 -31.11
O2 SO4 J . 5.77 -5.52 -31.76
O3 SO4 J . 5.78 -3.14 -31.81
O4 SO4 J . 5.81 -4.28 -29.74
#